data_8SVY
#
_entry.id   8SVY
#
_cell.length_a   99.040
_cell.length_b   137.032
_cell.length_c   38.715
_cell.angle_alpha   90.00
_cell.angle_beta   90.00
_cell.angle_gamma   90.00
#
_symmetry.space_group_name_H-M   'P 21 21 2'
#
loop_
_entity.id
_entity.type
_entity.pdbx_description
1 polymer 'Maltose/maltodextrin-binding periplasmic protein, Induced myeloid leukemia cell differentiation protein Mcl-1 chimera'
2 branched alpha-D-glucopyranose-(1-4)-alpha-D-glucopyranose
3 non-polymer 1,2-ETHANEDIOL
4 non-polymer GLYCEROL
5 non-polymer '(15P)-17-chloro-33-fluoro-12-[(2-methoxyethoxy)methyl]-5,14,22-trimethyl-28-oxa-9-thia-5,6,13,14,22-pentaazaheptacyclo[27.7.1.1~4,7~.0~11,15~.0~16,21~.0~20,24~.0~30,35~]octatriaconta-1(36),4(38),6,11(15),12,16,18,20,23,29(37),30,32,34-tridecaene-23-carboxylic acid'
6 water water
#
_entity_poly.entity_id   1
_entity_poly.type   'polypeptide(L)'
_entity_poly.pdbx_seq_one_letter_code
;GKIEEGKLVIWINGDKGYNGLAEVGKKFEKDTGIKVTVEHPDKLEEKFPQVAATGDGPDIIFWAHDRFGGYAQSGLLAEI
TPDKAFQDKLYPFTWDAVRYNGKLIAYPIAVEALSLIYNKDLLPNPPKTWEEIPALDKELKAKGKSALMFNLQEPYFTWP
LIAADGGYAFKYENGKYDIKDVGVDNAGAKAGLTFLVDLIKNKHMNADTDYSIAEAAFNKGETAMTINGPWAWSNIDTSK
VNYGVTVLPTFKGQPSKPFVGVLSAGINAASPNKELAKEFLENYLLTDEGLEAVNKDKPLGAVALKSYEEELAKDPRIAA
TMENAQKGEIMPNIPQMSAFWYAVRTAVINAASGRQTVDEALKDAQTGSELYRQSLEIISRYLREQATGAADTAPMGASG
ATSRKALETLRRVGDGVQRNHETAFQGMLRKLDIKNEDDVKSLSRVMIHVFSDGVTNWGRIVTLISFGAFVAKHLKTINQ
ESCIEPLAESITDVLVRTKRDWLVKQRGWDGFVEFFHV
;
_entity_poly.pdbx_strand_id   A
#
# COMPACT_ATOMS: atom_id res chain seq x y z
N GLY A 1 -17.79 15.29 12.14
CA GLY A 1 -19.09 15.31 11.43
C GLY A 1 -18.95 15.50 9.93
N LYS A 2 -19.23 16.71 9.44
CA LYS A 2 -19.19 17.06 7.98
C LYS A 2 -17.99 17.98 7.74
N ILE A 3 -17.39 17.88 6.55
CA ILE A 3 -16.25 18.75 6.16
C ILE A 3 -16.78 20.17 6.00
N GLU A 4 -16.09 21.15 6.60
CA GLU A 4 -16.49 22.57 6.64
C GLU A 4 -16.33 23.19 5.24
N GLU A 5 -17.38 23.82 4.72
N GLU A 5 -17.39 23.82 4.72
CA GLU A 5 -17.37 24.52 3.41
CA GLU A 5 -17.37 24.53 3.42
C GLU A 5 -16.69 25.89 3.57
C GLU A 5 -16.66 25.88 3.59
N GLY A 6 -15.93 26.33 2.56
CA GLY A 6 -15.29 27.66 2.52
C GLY A 6 -13.90 27.72 3.13
N LYS A 7 -13.24 26.58 3.32
CA LYS A 7 -11.82 26.50 3.73
C LYS A 7 -11.21 25.25 3.11
N LEU A 8 -9.90 25.08 3.23
CA LEU A 8 -9.22 23.83 2.81
C LEU A 8 -8.44 23.28 3.99
N VAL A 9 -8.67 22.00 4.28
CA VAL A 9 -7.84 21.22 5.24
C VAL A 9 -7.04 20.21 4.41
N ILE A 10 -5.73 20.21 4.60
CA ILE A 10 -4.80 19.33 3.82
C ILE A 10 -4.04 18.43 4.80
N TRP A 11 -3.97 17.14 4.49
CA TRP A 11 -3.11 16.16 5.20
C TRP A 11 -1.92 15.80 4.34
N ILE A 12 -0.73 15.84 4.94
CA ILE A 12 0.52 15.40 4.30
C ILE A 12 1.42 14.77 5.37
N ASN A 13 2.25 13.82 4.96
CA ASN A 13 3.10 13.07 5.94
C ASN A 13 4.14 14.00 6.57
N GLY A 14 4.49 13.73 7.82
CA GLY A 14 5.39 14.58 8.61
C GLY A 14 6.82 14.57 8.12
N ASP A 15 7.19 13.71 7.17
CA ASP A 15 8.55 13.73 6.57
C ASP A 15 8.64 14.64 5.34
N LYS A 16 7.52 15.25 4.91
N LYS A 16 7.52 15.23 4.90
CA LYS A 16 7.44 16.09 3.69
CA LYS A 16 7.44 16.10 3.69
C LYS A 16 7.44 17.58 4.06
C LYS A 16 7.53 17.58 4.07
N GLY A 17 7.60 18.45 3.06
CA GLY A 17 7.71 19.91 3.25
C GLY A 17 6.38 20.56 3.58
N TYR A 18 5.81 20.28 4.75
CA TYR A 18 4.47 20.78 5.14
C TYR A 18 4.54 22.29 5.45
N ASN A 19 5.69 22.82 5.87
CA ASN A 19 5.83 24.28 6.10
C ASN A 19 5.85 24.99 4.74
N GLY A 20 6.54 24.43 3.75
CA GLY A 20 6.52 24.94 2.37
C GLY A 20 5.12 24.87 1.80
N LEU A 21 4.40 23.78 2.03
CA LEU A 21 3.02 23.62 1.52
C LEU A 21 2.12 24.68 2.15
N ALA A 22 2.29 24.95 3.45
CA ALA A 22 1.56 26.02 4.17
C ALA A 22 1.83 27.39 3.54
N GLU A 23 3.06 27.65 3.06
N GLU A 23 3.05 27.63 3.05
CA GLU A 23 3.40 28.93 2.36
CA GLU A 23 3.45 28.89 2.36
C GLU A 23 2.56 29.04 1.09
C GLU A 23 2.67 29.05 1.05
N VAL A 24 2.40 27.94 0.35
CA VAL A 24 1.53 27.91 -0.86
C VAL A 24 0.09 28.20 -0.42
N GLY A 25 -0.33 27.62 0.71
CA GLY A 25 -1.62 27.89 1.36
C GLY A 25 -1.81 29.37 1.64
N LYS A 26 -0.78 30.05 2.16
CA LYS A 26 -0.86 31.51 2.47
C LYS A 26 -1.01 32.32 1.18
N LYS A 27 -0.32 31.95 0.10
CA LYS A 27 -0.46 32.62 -1.22
C LYS A 27 -1.89 32.46 -1.73
N PHE A 28 -2.47 31.27 -1.57
CA PHE A 28 -3.88 30.97 -1.94
C PHE A 28 -4.82 31.88 -1.15
N GLU A 29 -4.57 32.02 0.15
CA GLU A 29 -5.43 32.85 1.06
C GLU A 29 -5.33 34.32 0.65
N LYS A 30 -4.12 34.77 0.31
CA LYS A 30 -3.87 36.17 -0.13
C LYS A 30 -4.76 36.50 -1.35
N ASP A 31 -4.90 35.58 -2.32
CA ASP A 31 -5.69 35.80 -3.56
C ASP A 31 -7.19 35.68 -3.31
N THR A 32 -7.64 34.74 -2.47
CA THR A 32 -9.03 34.23 -2.44
C THR A 32 -9.75 34.59 -1.12
N GLY A 33 -9.02 34.87 -0.04
CA GLY A 33 -9.58 34.98 1.32
C GLY A 33 -9.90 33.64 1.97
N ILE A 34 -9.57 32.51 1.32
CA ILE A 34 -9.84 31.13 1.81
C ILE A 34 -8.63 30.66 2.63
N LYS A 35 -8.84 30.30 3.89
CA LYS A 35 -7.78 29.82 4.81
C LYS A 35 -7.46 28.36 4.46
N VAL A 36 -6.16 28.05 4.37
CA VAL A 36 -5.65 26.67 4.10
C VAL A 36 -4.95 26.20 5.38
N THR A 37 -5.40 25.09 5.95
CA THR A 37 -4.81 24.45 7.15
C THR A 37 -4.10 23.18 6.68
N VAL A 38 -2.79 23.11 6.92
CA VAL A 38 -1.98 21.89 6.61
C VAL A 38 -1.74 21.19 7.95
N GLU A 39 -2.08 19.90 8.00
CA GLU A 39 -1.81 19.03 9.15
C GLU A 39 -0.98 17.83 8.69
N HIS A 40 -0.20 17.26 9.61
CA HIS A 40 0.61 16.05 9.38
C HIS A 40 0.33 15.05 10.50
N PRO A 41 -0.90 14.53 10.61
CA PRO A 41 -1.22 13.57 11.66
C PRO A 41 -0.39 12.28 11.51
N ASP A 42 -0.11 11.63 12.63
CA ASP A 42 0.50 10.28 12.67
C ASP A 42 -0.43 9.29 11.96
N LYS A 43 0.14 8.36 11.21
CA LYS A 43 -0.57 7.25 10.54
C LYS A 43 -1.70 7.81 9.67
N LEU A 44 -1.49 8.91 8.94
CA LEU A 44 -2.61 9.58 8.22
C LEU A 44 -3.13 8.65 7.11
N GLU A 45 -2.29 7.79 6.56
CA GLU A 45 -2.69 6.85 5.47
C GLU A 45 -3.66 5.80 6.02
N GLU A 46 -3.62 5.52 7.33
CA GLU A 46 -4.60 4.62 8.00
C GLU A 46 -5.81 5.43 8.49
N LYS A 47 -5.60 6.66 8.97
CA LYS A 47 -6.69 7.53 9.47
C LYS A 47 -7.59 7.96 8.32
N PHE A 48 -7.01 8.32 7.17
CA PHE A 48 -7.81 8.90 6.05
C PHE A 48 -8.98 7.98 5.68
N PRO A 49 -8.76 6.67 5.38
CA PRO A 49 -9.87 5.80 4.97
C PRO A 49 -10.94 5.62 6.08
N GLN A 50 -10.54 5.69 7.34
CA GLN A 50 -11.48 5.59 8.49
C GLN A 50 -12.38 6.83 8.52
N VAL A 51 -11.80 8.02 8.52
CA VAL A 51 -12.57 9.29 8.71
C VAL A 51 -13.35 9.62 7.42
N ALA A 52 -12.75 9.41 6.24
CA ALA A 52 -13.40 9.72 4.95
C ALA A 52 -14.63 8.84 4.73
N ALA A 53 -14.63 7.61 5.25
CA ALA A 53 -15.77 6.66 5.13
C ALA A 53 -17.02 7.24 5.81
N THR A 54 -16.85 8.12 6.81
CA THR A 54 -17.93 8.78 7.59
C THR A 54 -18.29 10.16 7.00
N GLY A 55 -17.67 10.55 5.88
CA GLY A 55 -17.88 11.87 5.25
C GLY A 55 -17.10 12.97 5.93
N ASP A 56 -16.05 12.61 6.70
CA ASP A 56 -15.20 13.56 7.44
C ASP A 56 -13.80 13.54 6.80
N GLY A 57 -12.84 14.18 7.47
CA GLY A 57 -11.43 14.13 7.06
C GLY A 57 -11.01 15.39 6.33
N PRO A 58 -9.80 15.41 5.74
CA PRO A 58 -9.31 16.58 5.03
C PRO A 58 -9.98 16.73 3.65
N ASP A 59 -9.95 17.94 3.10
CA ASP A 59 -10.34 18.20 1.69
C ASP A 59 -9.33 17.54 0.76
N ILE A 60 -8.05 17.62 1.11
CA ILE A 60 -6.97 17.08 0.21
C ILE A 60 -6.10 16.16 1.04
N ILE A 61 -5.79 14.99 0.49
CA ILE A 61 -4.84 14.03 1.14
C ILE A 61 -3.64 13.87 0.21
N PHE A 62 -2.44 13.98 0.78
CA PHE A 62 -1.16 13.68 0.09
C PHE A 62 -0.61 12.34 0.58
N TRP A 63 -0.30 11.46 -0.34
CA TRP A 63 0.45 10.22 -0.05
C TRP A 63 1.08 9.74 -1.35
N ALA A 64 1.98 8.77 -1.29
CA ALA A 64 2.40 8.05 -2.52
C ALA A 64 1.18 7.39 -3.14
N HIS A 65 1.21 7.24 -4.45
CA HIS A 65 0.07 6.79 -5.28
C HIS A 65 -0.40 5.39 -4.88
N ASP A 66 0.43 4.56 -4.23
CA ASP A 66 0.08 3.15 -4.01
C ASP A 66 -1.21 2.99 -3.18
N ARG A 67 -1.49 3.89 -2.24
N ARG A 67 -1.46 3.96 -2.29
CA ARG A 67 -2.65 3.73 -1.29
CA ARG A 67 -2.67 4.07 -1.44
C ARG A 67 -3.96 4.19 -1.94
C ARG A 67 -3.92 4.26 -2.31
N PHE A 68 -3.89 4.87 -3.09
N PHE A 68 -3.87 5.11 -3.34
CA PHE A 68 -5.01 5.69 -3.63
CA PHE A 68 -5.08 5.82 -3.82
C PHE A 68 -6.03 4.80 -4.35
C PHE A 68 -6.07 4.86 -4.48
N GLY A 69 -5.61 3.71 -4.99
CA GLY A 69 -6.54 2.73 -5.59
C GLY A 69 -7.51 2.18 -4.57
N GLY A 70 -7.03 1.84 -3.36
CA GLY A 70 -7.88 1.41 -2.24
C GLY A 70 -8.88 2.49 -1.87
N TYR A 71 -8.44 3.73 -1.73
CA TYR A 71 -9.32 4.87 -1.38
C TYR A 71 -10.39 5.06 -2.47
N ALA A 72 -9.98 5.01 -3.75
CA ALA A 72 -10.89 5.19 -4.90
C ALA A 72 -11.91 4.05 -4.92
N GLN A 73 -11.47 2.81 -4.75
CA GLN A 73 -12.36 1.61 -4.73
C GLN A 73 -13.43 1.79 -3.64
N SER A 74 -13.05 2.37 -2.50
CA SER A 74 -13.92 2.62 -1.32
C SER A 74 -14.81 3.86 -1.52
N GLY A 75 -14.72 4.56 -2.66
CA GLY A 75 -15.55 5.74 -2.97
C GLY A 75 -15.14 6.99 -2.22
N LEU A 76 -13.88 7.09 -1.80
CA LEU A 76 -13.39 8.17 -0.91
C LEU A 76 -12.76 9.31 -1.69
N LEU A 77 -12.57 9.17 -3.02
CA LEU A 77 -11.85 10.17 -3.85
C LEU A 77 -12.74 10.69 -4.96
N ALA A 78 -12.70 12.00 -5.16
CA ALA A 78 -13.32 12.66 -6.33
C ALA A 78 -12.51 12.35 -7.58
N GLU A 79 -13.19 12.16 -8.71
CA GLU A 79 -12.51 12.05 -10.02
C GLU A 79 -11.87 13.39 -10.38
N ILE A 80 -10.63 13.34 -10.85
CA ILE A 80 -9.78 14.48 -11.30
C ILE A 80 -9.99 14.64 -12.81
N THR A 81 -10.37 15.84 -13.28
CA THR A 81 -10.67 16.08 -14.72
C THR A 81 -9.94 17.34 -15.21
N PRO A 82 -8.59 17.35 -15.20
CA PRO A 82 -7.85 18.51 -15.67
C PRO A 82 -8.00 18.62 -17.20
N ASP A 83 -7.93 19.86 -17.73
CA ASP A 83 -8.00 20.07 -19.19
C ASP A 83 -6.69 19.60 -19.83
N LYS A 84 -6.69 19.44 -21.15
CA LYS A 84 -5.49 19.00 -21.91
C LYS A 84 -4.32 19.93 -21.57
N ALA A 85 -4.53 21.25 -21.56
CA ALA A 85 -3.46 22.23 -21.32
C ALA A 85 -2.74 21.88 -20.01
N PHE A 86 -3.49 21.60 -18.95
CA PHE A 86 -2.89 21.26 -17.64
C PHE A 86 -2.26 19.87 -17.71
N GLN A 87 -2.96 18.88 -18.25
CA GLN A 87 -2.42 17.49 -18.32
C GLN A 87 -1.08 17.47 -19.04
N ASP A 88 -0.93 18.25 -20.10
CA ASP A 88 0.29 18.25 -20.94
C ASP A 88 1.48 18.84 -20.18
N LYS A 89 1.26 19.54 -19.05
CA LYS A 89 2.35 20.16 -18.26
C LYS A 89 3.04 19.13 -17.35
N LEU A 90 2.44 17.96 -17.14
CA LEU A 90 3.05 16.88 -16.30
C LEU A 90 3.42 15.69 -17.18
N TYR A 91 4.41 14.92 -16.74
CA TYR A 91 4.88 13.72 -17.49
C TYR A 91 3.76 12.70 -17.55
N PRO A 92 3.46 12.13 -18.74
CA PRO A 92 2.44 11.10 -18.86
C PRO A 92 2.55 9.95 -17.86
N PHE A 93 3.77 9.49 -17.54
CA PHE A 93 3.94 8.31 -16.65
C PHE A 93 3.48 8.68 -15.23
N THR A 94 3.50 9.97 -14.86
CA THR A 94 3.02 10.40 -13.51
C THR A 94 1.49 10.34 -13.49
N TRP A 95 0.81 10.73 -14.57
CA TRP A 95 -0.66 10.57 -14.68
C TRP A 95 -1.03 9.08 -14.61
N ASP A 96 -0.26 8.20 -15.25
CA ASP A 96 -0.49 6.73 -15.22
C ASP A 96 -0.51 6.24 -13.76
N ALA A 97 0.35 6.79 -12.91
CA ALA A 97 0.46 6.35 -11.49
C ALA A 97 -0.84 6.64 -10.72
N VAL A 98 -1.63 7.63 -11.15
CA VAL A 98 -2.86 8.10 -10.43
C VAL A 98 -4.10 7.78 -11.28
N ARG A 99 -4.01 6.82 -12.20
CA ARG A 99 -5.17 6.31 -12.97
C ARG A 99 -5.62 4.98 -12.34
N TYR A 100 -6.92 4.86 -12.05
CA TYR A 100 -7.53 3.66 -11.43
C TYR A 100 -8.88 3.39 -12.12
N ASN A 101 -9.03 2.18 -12.70
N ASN A 101 -9.02 2.20 -12.72
CA ASN A 101 -10.21 1.76 -13.50
CA ASN A 101 -10.23 1.78 -13.48
C ASN A 101 -10.52 2.87 -14.53
C ASN A 101 -10.52 2.80 -14.60
N GLY A 102 -9.48 3.33 -15.23
CA GLY A 102 -9.58 4.27 -16.37
C GLY A 102 -9.82 5.72 -15.97
N LYS A 103 -9.89 6.06 -14.68
CA LYS A 103 -10.19 7.43 -14.18
C LYS A 103 -8.96 7.97 -13.42
N LEU A 104 -8.70 9.27 -13.56
CA LEU A 104 -7.68 9.98 -12.75
C LEU A 104 -8.27 10.25 -11.36
N ILE A 105 -7.59 9.80 -10.30
N ILE A 105 -7.57 9.77 -10.33
CA ILE A 105 -8.12 9.89 -8.90
CA ILE A 105 -8.02 9.74 -8.91
C ILE A 105 -7.20 10.73 -8.01
C ILE A 105 -7.15 10.65 -8.01
N ALA A 106 -6.16 11.34 -8.58
CA ALA A 106 -5.29 12.29 -7.84
C ALA A 106 -4.47 13.11 -8.81
N TYR A 107 -3.86 14.16 -8.30
CA TYR A 107 -2.85 14.97 -9.03
C TYR A 107 -1.48 14.41 -8.65
N PRO A 108 -0.64 14.01 -9.62
CA PRO A 108 0.73 13.59 -9.31
C PRO A 108 1.60 14.82 -9.03
N ILE A 109 2.51 14.70 -8.06
CA ILE A 109 3.36 15.82 -7.58
C ILE A 109 4.82 15.52 -7.91
N ALA A 110 5.34 14.37 -7.50
CA ALA A 110 6.78 14.10 -7.60
C ALA A 110 7.08 12.61 -7.51
N VAL A 111 8.16 12.21 -8.16
CA VAL A 111 8.65 10.80 -8.19
C VAL A 111 9.71 10.63 -7.10
N GLU A 112 9.49 9.63 -6.26
CA GLU A 112 10.33 9.29 -5.08
C GLU A 112 10.94 7.93 -5.32
N ALA A 113 12.25 7.82 -5.15
CA ALA A 113 12.91 6.51 -5.02
C ALA A 113 13.97 6.64 -3.94
N LEU A 114 14.20 5.55 -3.23
CA LEU A 114 15.30 5.46 -2.26
C LEU A 114 16.65 5.44 -2.98
N SER A 115 17.65 6.05 -2.36
CA SER A 115 19.05 5.97 -2.80
C SER A 115 19.92 5.59 -1.60
N LEU A 116 21.14 5.15 -1.91
CA LEU A 116 22.20 5.02 -0.89
C LEU A 116 22.78 6.42 -0.65
N ILE A 117 22.75 6.87 0.60
CA ILE A 117 23.32 8.17 1.02
C ILE A 117 24.56 7.83 1.83
N TYR A 118 25.69 8.45 1.52
CA TYR A 118 26.96 8.04 2.17
C TYR A 118 27.75 9.27 2.56
N ASN A 119 28.53 9.10 3.63
CA ASN A 119 29.41 10.14 4.19
C ASN A 119 30.77 10.04 3.50
N LYS A 120 31.09 11.02 2.64
CA LYS A 120 32.34 11.04 1.83
C LYS A 120 33.57 11.13 2.74
N ASP A 121 33.43 11.71 3.93
CA ASP A 121 34.57 11.82 4.89
C ASP A 121 34.86 10.49 5.57
N LEU A 122 33.91 9.54 5.62
CA LEU A 122 34.14 8.19 6.20
C LEU A 122 34.40 7.17 5.07
N LEU A 123 33.65 7.26 3.97
CA LEU A 123 33.67 6.31 2.84
C LEU A 123 33.76 7.11 1.55
N PRO A 124 34.98 7.50 1.10
CA PRO A 124 35.12 8.27 -0.13
C PRO A 124 34.45 7.60 -1.32
N ASN A 125 34.48 6.27 -1.38
CA ASN A 125 33.80 5.49 -2.44
C ASN A 125 32.78 4.57 -1.80
N PRO A 126 31.49 4.69 -2.20
CA PRO A 126 30.45 3.84 -1.62
C PRO A 126 30.63 2.41 -2.11
N PRO A 127 30.19 1.41 -1.31
CA PRO A 127 30.22 0.01 -1.75
C PRO A 127 29.27 -0.20 -2.92
N LYS A 128 29.70 -0.96 -3.92
CA LYS A 128 28.86 -1.33 -5.08
C LYS A 128 27.96 -2.52 -4.72
N THR A 129 28.31 -3.32 -3.72
CA THR A 129 27.60 -4.57 -3.37
C THR A 129 27.16 -4.54 -1.91
N TRP A 130 26.03 -5.18 -1.61
CA TRP A 130 25.60 -5.49 -0.23
C TRP A 130 26.63 -6.41 0.42
N GLU A 131 27.19 -7.35 -0.34
CA GLU A 131 28.08 -8.44 0.17
C GLU A 131 29.33 -7.87 0.82
N GLU A 132 29.82 -6.71 0.38
CA GLU A 132 31.06 -6.11 0.97
C GLU A 132 30.75 -5.28 2.22
N ILE A 133 29.49 -5.08 2.61
CA ILE A 133 29.17 -4.18 3.76
C ILE A 133 29.64 -4.78 5.09
N PRO A 134 29.52 -6.10 5.38
CA PRO A 134 30.07 -6.66 6.62
C PRO A 134 31.56 -6.33 6.84
N ALA A 135 32.38 -6.50 5.81
CA ALA A 135 33.84 -6.21 5.89
C ALA A 135 34.04 -4.71 6.13
N LEU A 136 33.28 -3.87 5.42
N LEU A 136 33.28 -3.86 5.42
CA LEU A 136 33.36 -2.41 5.60
CA LEU A 136 33.32 -2.38 5.57
C LEU A 136 32.98 -2.05 7.04
C LEU A 136 32.93 -1.98 7.00
N ASP A 137 31.94 -2.66 7.59
CA ASP A 137 31.51 -2.39 8.97
C ASP A 137 32.64 -2.77 9.94
N LYS A 138 33.31 -3.91 9.72
CA LYS A 138 34.47 -4.34 10.56
C LYS A 138 35.54 -3.26 10.50
N GLU A 139 35.87 -2.75 9.31
CA GLU A 139 36.85 -1.63 9.17
C GLU A 139 36.38 -0.42 9.96
N LEU A 140 35.10 -0.03 9.83
CA LEU A 140 34.60 1.22 10.43
C LEU A 140 34.46 1.06 11.95
N LYS A 141 34.11 -0.13 12.45
CA LYS A 141 33.97 -0.39 13.91
C LYS A 141 35.32 -0.13 14.60
N ALA A 142 36.44 -0.40 13.92
CA ALA A 142 37.80 -0.11 14.44
C ALA A 142 38.06 1.39 14.58
N LYS A 143 37.31 2.25 13.89
CA LYS A 143 37.41 3.73 13.98
C LYS A 143 36.34 4.30 14.89
N GLY A 144 35.53 3.45 15.56
CA GLY A 144 34.41 3.92 16.38
C GLY A 144 33.22 4.37 15.56
N LYS A 145 33.04 3.76 14.38
CA LYS A 145 31.94 4.08 13.45
C LYS A 145 31.24 2.79 13.05
N SER A 146 30.16 2.90 12.29
CA SER A 146 29.48 1.73 11.69
C SER A 146 29.28 2.03 10.21
N ALA A 147 29.05 1.00 9.42
CA ALA A 147 28.85 1.14 7.95
C ALA A 147 27.46 1.71 7.64
N LEU A 148 26.39 1.14 8.18
CA LEU A 148 25.04 1.37 7.61
C LEU A 148 23.97 1.37 8.71
N MET A 149 23.10 2.36 8.68
CA MET A 149 21.88 2.39 9.51
C MET A 149 20.74 2.95 8.68
N PHE A 150 19.61 2.24 8.67
CA PHE A 150 18.38 2.71 7.99
C PHE A 150 17.18 2.13 8.72
N ASN A 151 16.00 2.66 8.39
CA ASN A 151 14.74 2.31 9.07
C ASN A 151 14.41 0.83 8.82
N LEU A 152 14.40 -0.01 9.84
CA LEU A 152 14.03 -1.44 9.72
C LEU A 152 12.59 -1.67 10.16
N GLN A 153 11.83 -0.62 10.45
CA GLN A 153 10.44 -0.72 10.96
C GLN A 153 9.44 -0.58 9.83
N GLU A 154 9.86 -0.08 8.67
CA GLU A 154 8.97 0.12 7.51
C GLU A 154 9.53 -0.66 6.34
N PRO A 155 8.75 -1.59 5.73
CA PRO A 155 9.29 -2.49 4.72
C PRO A 155 9.69 -1.79 3.41
N TYR A 156 9.22 -0.56 3.22
CA TYR A 156 9.64 0.30 2.09
C TYR A 156 11.16 0.32 1.97
N PHE A 157 11.87 0.36 3.09
CA PHE A 157 13.35 0.52 3.10
C PHE A 157 14.10 -0.79 2.86
N THR A 158 13.50 -1.93 3.22
N THR A 158 13.49 -1.93 3.23
CA THR A 158 14.12 -3.27 3.07
CA THR A 158 14.09 -3.28 3.11
C THR A 158 13.72 -3.90 1.73
C THR A 158 13.66 -3.95 1.80
N TRP A 159 12.55 -3.52 1.21
CA TRP A 159 12.03 -4.05 -0.08
C TRP A 159 13.08 -4.04 -1.18
N PRO A 160 13.92 -2.99 -1.38
CA PRO A 160 14.86 -3.00 -2.49
C PRO A 160 15.78 -4.23 -2.47
N LEU A 161 16.16 -4.69 -1.27
CA LEU A 161 17.05 -5.88 -1.08
C LEU A 161 16.24 -7.15 -1.28
N ILE A 162 15.01 -7.20 -0.76
CA ILE A 162 14.11 -8.39 -0.90
C ILE A 162 13.84 -8.61 -2.40
N ALA A 163 13.63 -7.54 -3.16
CA ALA A 163 13.26 -7.62 -4.59
C ALA A 163 14.48 -8.00 -5.45
N ALA A 164 15.70 -7.70 -5.00
CA ALA A 164 16.92 -7.75 -5.86
C ALA A 164 17.06 -9.11 -6.56
N ASP A 165 17.03 -10.21 -5.80
CA ASP A 165 17.28 -11.58 -6.31
C ASP A 165 15.97 -12.28 -6.70
N GLY A 166 14.84 -11.57 -6.76
CA GLY A 166 13.63 -12.07 -7.42
C GLY A 166 12.37 -12.03 -6.58
N GLY A 167 12.39 -11.43 -5.38
CA GLY A 167 11.13 -11.15 -4.65
C GLY A 167 10.27 -10.16 -5.44
N TYR A 168 8.96 -10.34 -5.42
CA TYR A 168 8.02 -9.38 -6.04
C TYR A 168 6.69 -9.38 -5.28
N ALA A 169 5.94 -8.30 -5.43
CA ALA A 169 4.60 -8.16 -4.83
C ALA A 169 3.59 -8.88 -5.73
N PHE A 170 3.22 -8.26 -6.84
CA PHE A 170 2.24 -8.79 -7.81
C PHE A 170 2.98 -8.88 -9.16
N LYS A 171 3.00 -10.07 -9.77
CA LYS A 171 3.74 -10.33 -11.03
C LYS A 171 3.18 -9.39 -12.12
N TYR A 172 4.06 -8.72 -12.86
CA TYR A 172 3.71 -7.82 -14.00
C TYR A 172 4.30 -8.40 -15.28
N GLU A 173 3.45 -8.74 -16.26
CA GLU A 173 3.85 -9.28 -17.59
C GLU A 173 2.97 -8.65 -18.68
N ASN A 174 3.61 -8.07 -19.71
CA ASN A 174 2.98 -7.26 -20.79
C ASN A 174 2.58 -5.90 -20.20
N LYS A 176 0.47 -6.23 -17.83
CA LYS A 176 -0.68 -6.38 -16.90
C LYS A 176 -0.19 -7.06 -15.61
N TYR A 177 -0.80 -6.73 -14.47
CA TYR A 177 -0.56 -7.43 -13.18
C TYR A 177 -1.37 -8.72 -13.17
N ASP A 178 -0.74 -9.81 -12.71
CA ASP A 178 -1.44 -11.04 -12.25
C ASP A 178 -1.52 -10.94 -10.72
N ILE A 179 -2.65 -10.46 -10.20
CA ILE A 179 -2.90 -10.24 -8.74
C ILE A 179 -2.83 -11.58 -8.00
N LYS A 180 -3.09 -12.70 -8.67
CA LYS A 180 -3.06 -14.06 -8.06
C LYS A 180 -1.61 -14.52 -7.90
N ASP A 181 -0.64 -13.90 -8.60
CA ASP A 181 0.79 -14.27 -8.60
C ASP A 181 1.59 -13.34 -7.67
N VAL A 182 1.80 -13.78 -6.43
CA VAL A 182 2.52 -13.01 -5.35
C VAL A 182 3.90 -13.64 -5.18
N GLY A 183 4.96 -12.82 -5.07
CA GLY A 183 6.37 -13.25 -5.06
C GLY A 183 7.09 -12.97 -3.74
N VAL A 184 6.39 -13.10 -2.63
CA VAL A 184 6.88 -12.69 -1.28
C VAL A 184 7.69 -13.83 -0.63
N ASP A 185 7.40 -15.10 -0.90
CA ASP A 185 8.06 -16.24 -0.18
C ASP A 185 8.85 -17.14 -1.13
N ASN A 186 9.33 -16.61 -2.26
CA ASN A 186 10.18 -17.34 -3.24
C ASN A 186 11.64 -17.29 -2.79
N ALA A 187 12.53 -18.00 -3.50
CA ALA A 187 13.97 -18.14 -3.17
C ALA A 187 14.65 -16.76 -3.13
N GLY A 188 14.27 -15.86 -4.03
CA GLY A 188 14.85 -14.52 -4.18
C GLY A 188 14.54 -13.63 -2.98
N ALA A 189 13.28 -13.60 -2.58
CA ALA A 189 12.80 -12.86 -1.38
C ALA A 189 13.52 -13.40 -0.13
N LYS A 190 13.58 -14.73 0.01
N LYS A 190 13.60 -14.72 0.01
CA LYS A 190 14.26 -15.42 1.14
CA LYS A 190 14.26 -15.38 1.17
C LYS A 190 15.73 -14.98 1.19
C LYS A 190 15.76 -15.02 1.20
N ALA A 191 16.43 -15.00 0.05
CA ALA A 191 17.87 -14.66 -0.05
C ALA A 191 18.10 -13.24 0.46
N GLY A 192 17.27 -12.29 0.01
CA GLY A 192 17.37 -10.88 0.45
C GLY A 192 17.12 -10.73 1.93
N LEU A 193 16.03 -11.28 2.44
CA LEU A 193 15.67 -11.09 3.86
C LEU A 193 16.68 -11.84 4.75
N THR A 194 17.16 -13.01 4.32
CA THR A 194 18.23 -13.75 5.06
C THR A 194 19.47 -12.85 5.15
N PHE A 195 19.84 -12.16 4.06
CA PHE A 195 21.03 -11.26 4.10
C PHE A 195 20.82 -10.19 5.18
N LEU A 196 19.65 -9.56 5.21
CA LEU A 196 19.33 -8.51 6.21
C LEU A 196 19.43 -9.10 7.61
N VAL A 197 18.84 -10.28 7.82
CA VAL A 197 18.82 -10.90 9.18
C VAL A 197 20.24 -11.26 9.60
N ASP A 198 21.06 -11.73 8.66
CA ASP A 198 22.49 -12.05 8.93
C ASP A 198 23.24 -10.76 9.33
N LEU A 199 22.94 -9.62 8.69
CA LEU A 199 23.58 -8.34 9.08
C LEU A 199 23.27 -8.06 10.56
N ILE A 200 22.04 -8.34 10.99
CA ILE A 200 21.59 -8.11 12.39
C ILE A 200 22.25 -9.14 13.33
N LYS A 201 22.23 -10.42 12.95
N LYS A 201 22.27 -10.41 12.93
CA LYS A 201 22.86 -11.51 13.73
CA LYS A 201 22.85 -11.54 13.72
C LYS A 201 24.33 -11.17 14.00
C LYS A 201 24.36 -11.36 13.90
N ASN A 202 25.04 -10.69 12.97
CA ASN A 202 26.49 -10.40 13.00
C ASN A 202 26.77 -8.99 13.56
N LYS A 203 25.76 -8.30 14.10
CA LYS A 203 25.85 -7.02 14.84
C LYS A 203 26.33 -5.88 13.92
N HIS A 204 26.05 -5.98 12.62
CA HIS A 204 26.28 -4.88 11.65
C HIS A 204 25.09 -3.91 11.66
N MET A 205 23.90 -4.39 12.04
CA MET A 205 22.69 -3.54 12.22
C MET A 205 21.91 -4.05 13.44
N ASN A 206 21.01 -3.22 13.93
CA ASN A 206 20.19 -3.45 15.14
C ASN A 206 18.73 -3.50 14.68
N ALA A 207 18.01 -4.58 15.01
CA ALA A 207 16.59 -4.76 14.61
C ALA A 207 15.72 -3.59 15.06
N ASP A 208 16.08 -2.88 16.14
CA ASP A 208 15.27 -1.79 16.73
C ASP A 208 15.47 -0.46 15.99
N THR A 209 16.40 -0.37 15.03
CA THR A 209 16.67 0.91 14.34
C THR A 209 15.44 1.35 13.55
N ASP A 210 15.05 2.61 13.74
CA ASP A 210 13.86 3.19 13.10
C ASP A 210 14.30 4.44 12.33
N TYR A 211 13.35 5.18 11.79
CA TYR A 211 13.65 6.35 10.94
C TYR A 211 14.48 7.37 11.71
N SER A 212 14.02 7.72 12.91
N SER A 212 14.01 7.72 12.91
CA SER A 212 14.65 8.76 13.76
CA SER A 212 14.62 8.74 13.78
C SER A 212 16.07 8.35 14.17
C SER A 212 16.05 8.34 14.17
N ILE A 213 16.24 7.10 14.61
CA ILE A 213 17.57 6.59 15.07
C ILE A 213 18.57 6.61 13.89
N ALA A 214 18.16 6.15 12.71
CA ALA A 214 19.07 6.08 11.55
C ALA A 214 19.45 7.49 11.09
N GLU A 215 18.48 8.39 11.04
CA GLU A 215 18.68 9.79 10.59
C GLU A 215 19.66 10.47 11.55
N ALA A 216 19.45 10.31 12.86
CA ALA A 216 20.30 10.96 13.88
C ALA A 216 21.74 10.44 13.75
N ALA A 217 21.93 9.13 13.60
CA ALA A 217 23.27 8.51 13.50
C ALA A 217 23.98 9.00 12.25
N PHE A 218 23.30 9.05 11.10
CA PHE A 218 23.95 9.53 9.86
C PHE A 218 24.30 11.02 10.00
N ASN A 219 23.36 11.83 10.47
CA ASN A 219 23.50 13.31 10.50
C ASN A 219 24.53 13.71 11.58
N LYS A 220 24.80 12.85 12.58
CA LYS A 220 25.84 13.09 13.61
C LYS A 220 27.20 12.49 13.18
N GLY A 221 27.27 11.86 12.00
CA GLY A 221 28.53 11.28 11.49
C GLY A 221 28.96 10.00 12.18
N GLU A 222 28.03 9.28 12.81
N GLU A 222 28.05 9.28 12.84
CA GLU A 222 28.29 8.04 13.60
CA GLU A 222 28.34 8.02 13.57
C GLU A 222 28.20 6.80 12.70
C GLU A 222 28.32 6.83 12.60
N THR A 223 27.45 6.85 11.60
CA THR A 223 27.34 5.76 10.60
C THR A 223 27.67 6.33 9.21
N ALA A 224 28.33 5.53 8.38
CA ALA A 224 28.89 5.97 7.08
C ALA A 224 27.81 6.06 6.00
N MET A 225 26.70 5.33 6.16
CA MET A 225 25.68 5.20 5.08
C MET A 225 24.30 5.12 5.70
N THR A 226 23.32 5.57 4.92
CA THR A 226 21.89 5.35 5.22
C THR A 226 21.15 5.12 3.90
N ILE A 227 19.89 4.73 4.00
CA ILE A 227 19.01 4.51 2.82
C ILE A 227 17.80 5.41 3.05
N ASN A 228 17.57 6.35 2.16
CA ASN A 228 16.47 7.31 2.37
C ASN A 228 16.13 7.97 1.05
N GLY A 229 15.03 8.72 1.07
CA GLY A 229 14.50 9.43 -0.08
C GLY A 229 14.90 10.90 -0.06
N PRO A 230 14.50 11.64 -1.12
CA PRO A 230 14.88 13.04 -1.29
C PRO A 230 14.49 13.94 -0.11
N TRP A 231 13.36 13.63 0.54
CA TRP A 231 12.84 14.43 1.68
C TRP A 231 13.88 14.53 2.79
N ALA A 232 14.76 13.54 2.91
CA ALA A 232 15.79 13.48 3.97
C ALA A 232 16.94 14.47 3.73
N TRP A 233 17.11 14.99 2.52
CA TRP A 233 18.36 15.74 2.16
C TRP A 233 18.47 17.05 2.95
N SER A 234 17.35 17.71 3.23
N SER A 234 17.34 17.69 3.27
CA SER A 234 17.29 18.98 4.01
CA SER A 234 17.28 18.99 3.99
C SER A 234 18.04 18.83 5.34
C SER A 234 17.93 18.90 5.37
N ASN A 235 17.65 17.83 6.13
CA ASN A 235 18.24 17.63 7.49
C ASN A 235 19.72 17.28 7.36
N ILE A 236 20.12 16.58 6.29
CA ILE A 236 21.56 16.26 6.07
C ILE A 236 22.29 17.57 5.71
N ASP A 237 21.69 18.44 4.88
CA ASP A 237 22.30 19.76 4.54
C ASP A 237 22.55 20.55 5.83
N THR A 238 21.55 20.63 6.72
CA THR A 238 21.64 21.35 8.02
C THR A 238 22.80 20.79 8.86
N SER A 239 23.03 19.48 8.84
CA SER A 239 24.05 18.76 9.64
C SER A 239 25.49 19.04 9.17
N LYS A 240 25.65 19.50 7.92
N LYS A 240 25.65 19.52 7.93
CA LYS A 240 26.95 19.82 7.27
CA LYS A 240 26.94 19.83 7.23
C LYS A 240 27.79 18.55 7.12
C LYS A 240 27.74 18.57 6.91
N VAL A 241 27.14 17.38 7.00
CA VAL A 241 27.82 16.12 6.62
C VAL A 241 28.18 16.24 5.14
N ASN A 242 29.40 15.84 4.78
CA ASN A 242 29.88 15.81 3.38
C ASN A 242 29.30 14.55 2.73
N TYR A 243 28.08 14.64 2.19
CA TYR A 243 27.33 13.44 1.74
C TYR A 243 27.22 13.36 0.23
N GLY A 244 27.09 12.12 -0.25
CA GLY A 244 26.78 11.76 -1.62
C GLY A 244 25.50 10.94 -1.67
N VAL A 245 24.82 11.01 -2.81
CA VAL A 245 23.60 10.21 -3.12
C VAL A 245 23.92 9.36 -4.33
N THR A 246 23.74 8.05 -4.23
CA THR A 246 24.24 7.12 -5.27
C THR A 246 23.32 5.92 -5.44
N VAL A 247 23.66 5.10 -6.42
CA VAL A 247 22.97 3.83 -6.75
C VAL A 247 23.03 2.94 -5.50
N LEU A 248 21.92 2.29 -5.18
CA LEU A 248 21.89 1.29 -4.09
C LEU A 248 22.85 0.16 -4.43
N PRO A 249 23.39 -0.56 -3.42
CA PRO A 249 24.31 -1.67 -3.69
C PRO A 249 23.56 -2.79 -4.41
N THR A 250 24.29 -3.58 -5.20
CA THR A 250 23.74 -4.81 -5.83
C THR A 250 23.68 -5.93 -4.80
N PHE A 251 22.84 -6.94 -5.05
CA PHE A 251 22.77 -8.18 -4.24
C PHE A 251 22.82 -9.35 -5.22
N LYS A 252 23.76 -10.28 -5.02
CA LYS A 252 24.00 -11.43 -5.93
C LYS A 252 24.14 -10.91 -7.37
N GLY A 253 24.84 -9.77 -7.54
CA GLY A 253 25.16 -9.17 -8.85
C GLY A 253 24.00 -8.46 -9.50
N GLN A 254 22.85 -8.33 -8.82
CA GLN A 254 21.62 -7.76 -9.40
C GLN A 254 21.31 -6.45 -8.69
N PRO A 255 20.74 -5.44 -9.39
CA PRO A 255 20.41 -4.18 -8.73
C PRO A 255 19.40 -4.38 -7.61
N SER A 256 19.54 -3.56 -6.55
CA SER A 256 18.44 -3.33 -5.60
C SER A 256 17.31 -2.65 -6.36
N LYS A 257 16.08 -3.05 -6.07
CA LYS A 257 14.90 -2.66 -6.88
C LYS A 257 13.93 -1.90 -5.96
N PRO A 258 14.12 -0.58 -5.75
CA PRO A 258 13.21 0.14 -4.87
C PRO A 258 11.80 0.18 -5.48
N PHE A 259 10.79 0.16 -4.62
CA PHE A 259 9.39 0.41 -5.04
C PHE A 259 9.25 1.93 -5.15
N VAL A 260 8.96 2.40 -6.36
CA VAL A 260 8.94 3.84 -6.74
C VAL A 260 7.55 4.41 -6.45
N GLY A 261 7.51 5.52 -5.72
CA GLY A 261 6.27 6.21 -5.34
C GLY A 261 6.13 7.51 -6.09
N VAL A 262 4.90 7.86 -6.46
CA VAL A 262 4.57 9.20 -6.98
C VAL A 262 3.77 9.89 -5.88
N LEU A 263 4.37 10.85 -5.20
CA LEU A 263 3.65 11.66 -4.21
C LEU A 263 2.47 12.27 -4.98
N SER A 264 1.26 12.07 -4.47
CA SER A 264 0.00 12.45 -5.17
C SER A 264 -0.94 13.17 -4.22
N ALA A 265 -1.82 14.01 -4.77
CA ALA A 265 -2.81 14.77 -3.98
C ALA A 265 -4.20 14.35 -4.46
N GLY A 266 -4.96 13.69 -3.58
CA GLY A 266 -6.36 13.32 -3.84
C GLY A 266 -7.32 14.29 -3.19
N ILE A 267 -8.51 14.42 -3.77
CA ILE A 267 -9.60 15.26 -3.23
C ILE A 267 -10.65 14.32 -2.61
N ASN A 268 -10.99 14.58 -1.35
CA ASN A 268 -11.99 13.80 -0.58
C ASN A 268 -13.34 13.87 -1.31
N ALA A 269 -13.92 12.72 -1.62
CA ALA A 269 -15.25 12.60 -2.28
C ALA A 269 -16.30 13.38 -1.47
N ALA A 270 -16.16 13.46 -0.15
CA ALA A 270 -17.12 14.16 0.73
C ALA A 270 -16.81 15.66 0.87
N SER A 271 -15.79 16.19 0.19
CA SER A 271 -15.42 17.62 0.30
C SER A 271 -16.48 18.47 -0.38
N PRO A 272 -16.99 19.54 0.29
CA PRO A 272 -17.81 20.54 -0.40
C PRO A 272 -16.96 21.66 -1.04
N ASN A 273 -15.65 21.44 -1.13
CA ASN A 273 -14.66 22.47 -1.55
C ASN A 273 -13.87 21.96 -2.76
N LYS A 274 -14.46 21.10 -3.58
CA LYS A 274 -13.74 20.43 -4.70
C LYS A 274 -13.20 21.45 -5.69
N GLU A 275 -13.95 22.53 -5.99
CA GLU A 275 -13.46 23.55 -6.95
C GLU A 275 -12.29 24.33 -6.33
N LEU A 276 -12.35 24.69 -5.05
CA LEU A 276 -11.24 25.37 -4.33
C LEU A 276 -10.01 24.45 -4.36
N ALA A 277 -10.21 23.15 -4.12
CA ALA A 277 -9.13 22.14 -4.06
C ALA A 277 -8.44 22.05 -5.43
N LYS A 278 -9.21 21.95 -6.51
N LYS A 278 -9.22 21.95 -6.51
CA LYS A 278 -8.69 21.90 -7.91
CA LYS A 278 -8.70 21.91 -7.90
C LYS A 278 -7.90 23.18 -8.18
C LYS A 278 -7.92 23.17 -8.21
N GLU A 279 -8.45 24.35 -7.85
CA GLU A 279 -7.79 25.66 -8.08
C GLU A 279 -6.46 25.68 -7.34
N PHE A 280 -6.46 25.27 -6.08
CA PHE A 280 -5.22 25.23 -5.24
C PHE A 280 -4.17 24.32 -5.92
N LEU A 281 -4.55 23.10 -6.25
CA LEU A 281 -3.58 22.08 -6.72
C LEU A 281 -3.06 22.47 -8.11
N GLU A 282 -3.94 22.87 -9.03
CA GLU A 282 -3.54 23.15 -10.44
C GLU A 282 -2.81 24.50 -10.53
N ASN A 283 -3.32 25.56 -9.89
CA ASN A 283 -2.88 26.96 -10.18
C ASN A 283 -2.04 27.56 -9.05
N TYR A 284 -1.80 26.84 -7.95
CA TYR A 284 -0.91 27.30 -6.87
C TYR A 284 0.21 26.28 -6.65
N LEU A 285 -0.13 25.02 -6.36
CA LEU A 285 0.91 24.03 -6.01
C LEU A 285 1.67 23.60 -7.26
N LEU A 286 0.98 23.15 -8.30
CA LEU A 286 1.64 22.54 -9.49
C LEU A 286 2.05 23.65 -10.47
N THR A 287 2.87 24.55 -9.95
CA THR A 287 3.53 25.66 -10.67
C THR A 287 5.02 25.65 -10.27
N ASP A 288 5.88 26.32 -11.04
CA ASP A 288 7.31 26.39 -10.67
C ASP A 288 7.45 26.94 -9.25
N GLU A 289 6.71 28.00 -8.90
CA GLU A 289 6.87 28.70 -7.60
C GLU A 289 6.27 27.86 -6.47
N GLY A 290 5.16 27.17 -6.72
CA GLY A 290 4.50 26.30 -5.72
C GLY A 290 5.39 25.14 -5.33
N LEU A 291 5.90 24.41 -6.32
CA LEU A 291 6.78 23.25 -6.06
C LEU A 291 8.12 23.72 -5.47
N GLU A 292 8.64 24.87 -5.90
CA GLU A 292 9.88 25.44 -5.31
C GLU A 292 9.66 25.65 -3.81
N ALA A 293 8.52 26.20 -3.39
CA ALA A 293 8.27 26.52 -1.97
C ALA A 293 8.30 25.22 -1.16
N VAL A 294 7.71 24.14 -1.67
CA VAL A 294 7.69 22.84 -0.96
C VAL A 294 9.09 22.24 -1.00
N ASN A 295 9.70 22.23 -2.19
CA ASN A 295 11.03 21.61 -2.44
C ASN A 295 12.11 22.26 -1.55
N LYS A 296 12.06 23.58 -1.32
CA LYS A 296 13.04 24.32 -0.47
C LYS A 296 12.90 23.90 1.00
N ASP A 297 11.71 23.45 1.40
CA ASP A 297 11.46 22.95 2.78
C ASP A 297 12.06 21.53 2.87
N LYS A 298 11.50 20.57 2.14
CA LYS A 298 12.03 19.19 2.04
C LYS A 298 11.98 18.78 0.57
N PRO A 299 13.10 18.33 -0.06
CA PRO A 299 13.08 18.00 -1.47
C PRO A 299 12.03 16.94 -1.84
N LEU A 300 11.38 17.17 -2.98
CA LEU A 300 10.27 16.33 -3.51
C LEU A 300 10.80 15.12 -4.28
N GLY A 301 12.03 15.20 -4.83
CA GLY A 301 12.52 14.25 -5.83
C GLY A 301 12.36 14.83 -7.23
N ALA A 302 11.98 13.99 -8.18
CA ALA A 302 11.82 14.39 -9.59
C ALA A 302 10.36 14.82 -9.80
N VAL A 303 10.12 16.12 -9.88
CA VAL A 303 8.71 16.63 -9.86
C VAL A 303 8.01 16.28 -11.16
N ALA A 304 6.68 16.15 -11.09
CA ALA A 304 5.83 15.74 -12.22
C ALA A 304 5.75 16.88 -13.24
N LEU A 305 5.90 18.13 -12.78
CA LEU A 305 5.78 19.35 -13.62
C LEU A 305 7.04 19.46 -14.46
N LYS A 306 6.89 19.31 -15.78
CA LYS A 306 8.04 19.27 -16.73
C LYS A 306 8.90 20.53 -16.59
N SER A 307 8.30 21.71 -16.54
CA SER A 307 9.04 23.00 -16.53
C SER A 307 10.01 23.04 -15.34
N TYR A 308 9.57 22.65 -14.14
CA TYR A 308 10.41 22.70 -12.91
C TYR A 308 11.36 21.50 -12.86
N GLU A 309 10.94 20.33 -13.34
N GLU A 309 10.93 20.31 -13.31
CA GLU A 309 11.82 19.13 -13.37
CA GLU A 309 11.82 19.12 -13.38
C GLU A 309 13.03 19.39 -14.27
C GLU A 309 13.05 19.43 -14.24
N GLU A 310 12.87 20.14 -15.36
CA GLU A 310 14.00 20.52 -16.26
C GLU A 310 15.05 21.33 -15.48
N GLU A 311 14.61 22.18 -14.55
CA GLU A 311 15.51 23.02 -13.69
C GLU A 311 16.22 22.14 -12.66
N LEU A 312 15.52 21.20 -12.01
CA LEU A 312 16.05 20.32 -10.94
C LEU A 312 16.89 19.16 -11.50
N ALA A 313 16.70 18.74 -12.76
CA ALA A 313 17.27 17.50 -13.33
C ALA A 313 18.80 17.53 -13.34
N LYS A 314 19.42 18.71 -13.32
CA LYS A 314 20.90 18.90 -13.31
C LYS A 314 21.51 18.49 -11.96
N ASP A 315 20.71 18.35 -10.91
CA ASP A 315 21.16 17.99 -9.54
C ASP A 315 21.59 16.53 -9.55
N PRO A 316 22.89 16.21 -9.30
N PRO A 316 22.87 16.20 -9.20
CA PRO A 316 23.34 14.82 -9.22
CA PRO A 316 23.31 14.82 -9.23
C PRO A 316 22.54 13.92 -8.27
C PRO A 316 22.57 13.91 -8.25
N ARG A 317 21.95 14.49 -7.21
CA ARG A 317 21.14 13.73 -6.22
C ARG A 317 19.84 13.28 -6.88
N ILE A 318 19.26 14.12 -7.73
CA ILE A 318 18.05 13.75 -8.51
C ILE A 318 18.42 12.74 -9.60
N ALA A 319 19.56 12.90 -10.28
CA ALA A 319 20.03 11.89 -11.26
C ALA A 319 20.13 10.52 -10.57
N ALA A 320 20.71 10.47 -9.36
CA ALA A 320 20.86 9.22 -8.58
C ALA A 320 19.48 8.66 -8.20
N THR A 321 18.57 9.55 -7.79
CA THR A 321 17.17 9.16 -7.48
C THR A 321 16.57 8.44 -8.69
N MET A 322 16.72 9.04 -9.88
CA MET A 322 16.09 8.49 -11.11
C MET A 322 16.85 7.24 -11.61
N GLU A 323 18.15 7.10 -11.33
CA GLU A 323 18.89 5.86 -11.64
C GLU A 323 18.32 4.71 -10.80
N ASN A 324 18.12 4.94 -9.51
CA ASN A 324 17.52 3.92 -8.61
C ASN A 324 16.07 3.65 -9.05
N ALA A 325 15.31 4.68 -9.41
CA ALA A 325 13.91 4.53 -9.88
C ALA A 325 13.86 3.60 -11.11
N GLN A 326 14.80 3.76 -12.05
N GLN A 326 14.66 3.87 -12.14
CA GLN A 326 14.91 2.95 -13.29
CA GLN A 326 14.56 3.20 -13.48
C GLN A 326 15.22 1.48 -12.95
C GLN A 326 14.85 1.71 -13.33
N LYS A 327 16.01 1.21 -11.91
N LYS A 327 15.65 1.36 -12.30
CA LYS A 327 16.35 -0.17 -11.50
CA LYS A 327 16.04 -0.01 -11.91
C LYS A 327 15.17 -0.77 -10.72
C LYS A 327 14.96 -0.68 -11.05
N GLY A 328 14.30 0.08 -10.18
CA GLY A 328 13.13 -0.38 -9.41
C GLY A 328 11.89 -0.50 -10.28
N GLU A 329 10.73 -0.44 -9.62
N GLU A 329 10.72 -0.52 -9.63
CA GLU A 329 9.38 -0.63 -10.25
CA GLU A 329 9.41 -0.69 -10.30
C GLU A 329 8.43 0.40 -9.63
C GLU A 329 8.43 0.28 -9.66
N ILE A 330 7.62 1.08 -10.45
N ILE A 330 7.64 0.95 -10.48
CA ILE A 330 6.52 1.95 -9.96
CA ILE A 330 6.49 1.78 -10.02
C ILE A 330 5.52 1.05 -9.22
C ILE A 330 5.63 0.89 -9.12
N MET A 331 5.17 1.41 -7.98
CA MET A 331 4.23 0.63 -7.14
C MET A 331 2.92 0.44 -7.88
N PRO A 332 2.30 -0.74 -7.76
CA PRO A 332 0.89 -0.88 -8.10
C PRO A 332 0.05 0.08 -7.24
N ASN A 333 -1.14 0.46 -7.72
CA ASN A 333 -2.12 1.21 -6.89
C ASN A 333 -3.33 0.33 -6.56
N ILE A 334 -3.26 -0.99 -6.78
CA ILE A 334 -4.41 -1.92 -6.56
C ILE A 334 -4.81 -1.87 -5.08
N PRO A 335 -6.09 -2.11 -4.73
CA PRO A 335 -6.55 -2.03 -3.34
C PRO A 335 -5.83 -2.96 -2.33
N GLN A 336 -5.22 -4.03 -2.84
N GLN A 336 -5.28 -4.09 -2.79
CA GLN A 336 -4.54 -5.08 -2.05
CA GLN A 336 -4.56 -5.06 -1.92
C GLN A 336 -3.18 -4.57 -1.55
C GLN A 336 -3.08 -4.67 -1.78
N MET A 337 -2.70 -3.42 -2.03
CA MET A 337 -1.35 -2.90 -1.65
C MET A 337 -1.27 -2.69 -0.14
N SER A 338 -2.31 -2.19 0.52
CA SER A 338 -2.37 -1.97 1.99
C SER A 338 -2.07 -3.30 2.71
N ALA A 339 -2.74 -4.38 2.30
CA ALA A 339 -2.57 -5.73 2.89
C ALA A 339 -1.16 -6.27 2.63
N PHE A 340 -0.65 -6.10 1.42
CA PHE A 340 0.73 -6.48 1.03
C PHE A 340 1.72 -5.81 1.99
N TRP A 341 1.60 -4.49 2.17
CA TRP A 341 2.55 -3.74 3.02
C TRP A 341 2.42 -4.18 4.47
N TYR A 342 1.19 -4.41 4.96
CA TYR A 342 0.97 -4.87 6.35
C TYR A 342 1.67 -6.22 6.56
N ALA A 343 1.46 -7.14 5.62
CA ALA A 343 2.01 -8.52 5.67
C ALA A 343 3.55 -8.45 5.68
N VAL A 344 4.15 -7.67 4.78
CA VAL A 344 5.64 -7.64 4.64
C VAL A 344 6.24 -6.85 5.83
N ARG A 345 5.56 -5.82 6.32
CA ARG A 345 6.00 -5.06 7.52
C ARG A 345 6.20 -6.05 8.67
N THR A 346 5.18 -6.86 8.96
CA THR A 346 5.21 -7.84 10.07
C THR A 346 6.32 -8.87 9.82
N ALA A 347 6.46 -9.33 8.58
CA ALA A 347 7.47 -10.35 8.21
C ALA A 347 8.87 -9.79 8.51
N VAL A 348 9.18 -8.58 8.04
CA VAL A 348 10.56 -8.02 8.22
C VAL A 348 10.80 -7.81 9.72
N ILE A 349 9.84 -7.26 10.46
CA ILE A 349 10.02 -6.99 11.91
C ILE A 349 10.21 -8.33 12.65
N ASN A 350 9.42 -9.36 12.32
CA ASN A 350 9.51 -10.65 13.05
C ASN A 350 10.81 -11.38 12.71
N ALA A 351 11.26 -11.35 11.44
CA ALA A 351 12.53 -11.99 11.03
C ALA A 351 13.69 -11.25 11.69
N ALA A 352 13.65 -9.93 11.70
CA ALA A 352 14.74 -9.09 12.24
C ALA A 352 14.88 -9.32 13.76
N SER A 353 13.77 -9.52 14.47
CA SER A 353 13.75 -9.65 15.95
C SER A 353 14.04 -11.08 16.38
N GLY A 354 13.89 -12.06 15.48
CA GLY A 354 14.01 -13.49 15.79
C GLY A 354 12.70 -14.11 16.27
N ARG A 355 11.59 -13.36 16.27
CA ARG A 355 10.23 -13.88 16.63
C ARG A 355 9.85 -15.01 15.66
N GLN A 356 10.22 -14.88 14.39
CA GLN A 356 10.02 -15.91 13.34
C GLN A 356 11.33 -16.09 12.58
N THR A 357 11.53 -17.27 12.00
CA THR A 357 12.59 -17.52 10.99
C THR A 357 12.19 -16.78 9.71
N VAL A 358 13.12 -16.61 8.79
CA VAL A 358 12.84 -15.99 7.46
C VAL A 358 11.75 -16.81 6.74
N ASP A 359 11.87 -18.14 6.74
CA ASP A 359 10.89 -19.06 6.09
C ASP A 359 9.50 -18.83 6.69
N GLU A 360 9.38 -18.82 8.02
CA GLU A 360 8.10 -18.65 8.75
C GLU A 360 7.50 -17.28 8.39
N ALA A 361 8.33 -16.24 8.45
CA ALA A 361 7.92 -14.84 8.31
C ALA A 361 7.37 -14.62 6.90
N LEU A 362 8.10 -15.06 5.89
CA LEU A 362 7.71 -14.86 4.48
C LEU A 362 6.52 -15.77 4.12
N LYS A 363 6.41 -16.97 4.71
CA LYS A 363 5.23 -17.84 4.48
C LYS A 363 3.97 -17.10 4.91
N ASP A 364 3.97 -16.52 6.12
CA ASP A 364 2.82 -15.74 6.66
C ASP A 364 2.56 -14.54 5.75
N ALA A 365 3.60 -13.85 5.31
CA ALA A 365 3.45 -12.66 4.45
C ALA A 365 2.80 -13.07 3.12
N GLN A 366 3.19 -14.23 2.56
CA GLN A 366 2.60 -14.78 1.31
C GLN A 366 1.11 -15.01 1.55
N THR A 367 0.74 -15.66 2.64
CA THR A 367 -0.68 -15.99 2.93
C THR A 367 -1.48 -14.69 3.09
N GLY A 368 -0.94 -13.70 3.82
CA GLY A 368 -1.64 -12.42 4.04
C GLY A 368 -1.81 -11.65 2.75
N SER A 369 -0.80 -11.63 1.89
CA SER A 369 -0.85 -10.93 0.60
C SER A 369 -1.87 -11.59 -0.35
N GLU A 370 -2.01 -12.91 -0.33
CA GLU A 370 -2.87 -13.73 -1.24
C GLU A 370 -4.31 -13.73 -0.68
N LEU A 371 -4.55 -13.29 0.54
CA LEU A 371 -5.79 -13.65 1.28
C LEU A 371 -7.04 -13.11 0.56
N TYR A 372 -7.03 -11.84 0.16
CA TYR A 372 -8.22 -11.24 -0.49
C TYR A 372 -8.55 -12.04 -1.76
N ARG A 373 -7.59 -12.20 -2.66
CA ARG A 373 -7.95 -12.77 -3.99
C ARG A 373 -8.31 -14.25 -3.85
N GLN A 374 -7.67 -14.98 -2.96
CA GLN A 374 -7.98 -16.40 -2.76
C GLN A 374 -9.39 -16.50 -2.17
N SER A 375 -9.70 -15.66 -1.18
CA SER A 375 -11.02 -15.65 -0.53
C SER A 375 -12.08 -15.34 -1.59
N LEU A 376 -11.84 -14.31 -2.40
CA LEU A 376 -12.84 -13.93 -3.43
C LEU A 376 -13.03 -15.08 -4.41
N GLU A 377 -11.97 -15.76 -4.84
CA GLU A 377 -12.12 -16.87 -5.83
C GLU A 377 -13.11 -17.90 -5.27
N ILE A 378 -12.93 -18.27 -4.01
CA ILE A 378 -13.75 -19.32 -3.35
C ILE A 378 -15.18 -18.80 -3.22
N ILE A 379 -15.35 -17.61 -2.66
CA ILE A 379 -16.69 -17.08 -2.32
C ILE A 379 -17.46 -16.75 -3.60
N SER A 380 -16.84 -16.09 -4.57
CA SER A 380 -17.48 -15.79 -5.88
C SER A 380 -17.93 -17.13 -6.50
N ARG A 381 -17.03 -18.11 -6.59
CA ARG A 381 -17.44 -19.37 -7.25
C ARG A 381 -18.60 -20.02 -6.51
N TYR A 382 -18.58 -20.08 -5.19
CA TYR A 382 -19.65 -20.76 -4.44
C TYR A 382 -20.96 -20.03 -4.66
N LEU A 383 -20.97 -18.70 -4.54
CA LEU A 383 -22.22 -17.94 -4.72
C LEU A 383 -22.78 -18.14 -6.14
N ARG A 384 -21.90 -18.07 -7.14
CA ARG A 384 -22.37 -18.14 -8.55
C ARG A 384 -22.87 -19.54 -8.85
N GLU A 385 -22.18 -20.59 -8.39
CA GLU A 385 -22.63 -21.95 -8.77
C GLU A 385 -23.91 -22.28 -7.99
N GLN A 386 -24.06 -21.77 -6.77
CA GLN A 386 -25.29 -21.96 -5.98
C GLN A 386 -26.47 -21.29 -6.71
N ALA A 387 -26.26 -20.08 -7.22
CA ALA A 387 -27.31 -19.28 -7.87
C ALA A 387 -27.74 -19.93 -9.18
N THR A 388 -26.80 -20.43 -9.97
CA THR A 388 -27.06 -20.85 -11.37
C THR A 388 -27.25 -22.37 -11.49
N GLY A 389 -26.72 -23.09 -10.52
CA GLY A 389 -26.73 -24.57 -10.52
C GLY A 389 -25.55 -25.17 -11.27
N ALA A 390 -24.69 -24.37 -11.89
CA ALA A 390 -23.58 -24.89 -12.72
C ALA A 390 -22.26 -24.27 -12.25
N ALA A 391 -21.21 -25.07 -12.21
CA ALA A 391 -19.89 -24.66 -11.69
C ALA A 391 -19.16 -23.85 -12.76
N ASP A 392 -18.18 -23.10 -12.29
CA ASP A 392 -17.23 -22.35 -13.15
C ASP A 392 -16.16 -23.31 -13.63
N THR A 393 -15.98 -23.37 -14.95
CA THR A 393 -15.02 -24.26 -15.62
C THR A 393 -13.63 -23.60 -15.69
N ALA A 394 -13.50 -22.31 -15.37
CA ALA A 394 -12.20 -21.60 -15.41
C ALA A 394 -11.21 -22.25 -14.45
N PRO A 395 -9.92 -22.39 -14.83
CA PRO A 395 -8.87 -22.83 -13.90
C PRO A 395 -8.81 -21.96 -12.63
N MET A 396 -8.55 -22.58 -11.48
N MET A 396 -8.57 -22.58 -11.47
CA MET A 396 -8.42 -21.87 -10.18
CA MET A 396 -8.43 -21.87 -10.17
C MET A 396 -7.20 -20.96 -10.18
C MET A 396 -7.20 -20.95 -10.21
N GLY A 397 -6.15 -21.33 -10.95
CA GLY A 397 -4.91 -20.54 -11.02
C GLY A 397 -4.06 -20.78 -9.80
N ALA A 398 -3.29 -19.77 -9.38
CA ALA A 398 -2.28 -19.81 -8.29
C ALA A 398 -2.92 -20.31 -6.99
N SER A 399 -2.19 -21.15 -6.25
CA SER A 399 -2.69 -21.88 -5.05
C SER A 399 -4.03 -22.56 -5.38
N GLY A 400 -4.12 -23.20 -6.54
CA GLY A 400 -5.37 -23.76 -7.09
C GLY A 400 -5.90 -24.94 -6.28
N ALA A 401 -5.01 -25.75 -5.74
CA ALA A 401 -5.37 -26.96 -4.96
C ALA A 401 -6.12 -26.48 -3.72
N THR A 402 -5.61 -25.45 -3.06
CA THR A 402 -6.23 -24.87 -1.85
C THR A 402 -7.62 -24.32 -2.21
N SER A 403 -7.74 -23.49 -3.25
CA SER A 403 -9.05 -22.96 -3.71
C SER A 403 -10.03 -24.10 -4.02
N ARG A 404 -9.59 -25.10 -4.76
CA ARG A 404 -10.48 -26.21 -5.18
C ARG A 404 -10.97 -26.95 -3.93
N LYS A 405 -10.06 -27.26 -2.99
CA LYS A 405 -10.41 -28.06 -1.81
C LYS A 405 -11.24 -27.22 -0.84
N ALA A 406 -11.01 -25.90 -0.79
CA ALA A 406 -11.84 -25.00 0.04
C ALA A 406 -13.25 -24.94 -0.55
N LEU A 407 -13.37 -24.82 -1.87
CA LEU A 407 -14.71 -24.84 -2.51
C LEU A 407 -15.41 -26.20 -2.27
N GLU A 408 -14.72 -27.33 -2.40
N GLU A 408 -14.71 -27.32 -2.39
CA GLU A 408 -15.31 -28.67 -2.14
CA GLU A 408 -15.30 -28.68 -2.16
C GLU A 408 -15.84 -28.73 -0.70
C GLU A 408 -15.80 -28.78 -0.71
N THR A 409 -15.05 -28.24 0.25
CA THR A 409 -15.39 -28.24 1.69
C THR A 409 -16.62 -27.35 1.90
N LEU A 410 -16.57 -26.15 1.32
CA LEU A 410 -17.66 -25.18 1.47
C LEU A 410 -18.94 -25.75 0.87
N ARG A 411 -18.87 -26.50 -0.24
CA ARG A 411 -20.05 -27.19 -0.82
C ARG A 411 -20.69 -28.08 0.24
N ARG A 412 -19.93 -28.91 0.92
CA ARG A 412 -20.44 -29.82 1.98
C ARG A 412 -21.00 -29.02 3.16
N VAL A 413 -20.19 -28.17 3.80
CA VAL A 413 -20.62 -27.56 5.09
C VAL A 413 -21.61 -26.41 4.85
N GLY A 414 -21.45 -25.66 3.76
CA GLY A 414 -22.34 -24.53 3.41
C GLY A 414 -23.69 -25.02 2.97
N ASP A 415 -23.76 -26.10 2.21
CA ASP A 415 -25.08 -26.65 1.83
C ASP A 415 -25.80 -27.10 3.09
N GLY A 416 -25.10 -27.70 4.05
CA GLY A 416 -25.69 -28.15 5.32
C GLY A 416 -26.21 -26.96 6.13
N VAL A 417 -25.45 -25.87 6.20
CA VAL A 417 -25.91 -24.65 6.92
C VAL A 417 -27.19 -24.12 6.26
N GLN A 418 -27.22 -24.02 4.93
CA GLN A 418 -28.42 -23.51 4.21
C GLN A 418 -29.64 -24.38 4.46
N ARG A 419 -29.45 -25.70 4.58
N ARG A 419 -29.48 -25.70 4.58
CA ARG A 419 -30.55 -26.66 4.87
CA ARG A 419 -30.62 -26.60 4.87
C ARG A 419 -31.02 -26.47 6.32
C ARG A 419 -31.04 -26.43 6.33
N ASN A 420 -30.10 -26.55 7.26
CA ASN A 420 -30.45 -26.56 8.70
C ASN A 420 -30.96 -25.18 9.15
N HIS A 421 -30.42 -24.11 8.59
CA HIS A 421 -30.80 -22.72 8.97
C HIS A 421 -31.71 -22.07 7.92
N GLU A 422 -32.45 -22.86 7.17
CA GLU A 422 -33.34 -22.33 6.12
C GLU A 422 -34.32 -21.33 6.73
N THR A 423 -34.88 -21.64 7.90
N THR A 423 -34.86 -21.59 7.91
CA THR A 423 -35.89 -20.79 8.58
CA THR A 423 -35.93 -20.73 8.48
C THR A 423 -35.31 -19.39 8.77
C THR A 423 -35.34 -19.36 8.83
N ALA A 424 -34.16 -19.29 9.44
CA ALA A 424 -33.51 -18.00 9.81
C ALA A 424 -33.11 -17.28 8.52
N PHE A 425 -32.59 -18.01 7.56
CA PHE A 425 -32.13 -17.43 6.28
C PHE A 425 -33.33 -16.83 5.54
N GLN A 426 -34.40 -17.59 5.38
N GLN A 426 -34.40 -17.62 5.39
CA GLN A 426 -35.61 -17.10 4.67
CA GLN A 426 -35.70 -17.24 4.73
C GLN A 426 -36.14 -15.88 5.44
C GLN A 426 -36.29 -16.00 5.42
N GLY A 427 -36.26 -15.95 6.77
CA GLY A 427 -36.81 -14.82 7.54
C GLY A 427 -35.99 -13.56 7.31
N MET A 428 -34.66 -13.67 7.39
CA MET A 428 -33.74 -12.51 7.34
C MET A 428 -33.70 -11.97 5.90
N LEU A 429 -33.71 -12.85 4.89
CA LEU A 429 -33.77 -12.44 3.47
C LEU A 429 -34.99 -11.53 3.27
N ARG A 430 -36.14 -11.95 3.77
CA ARG A 430 -37.40 -11.17 3.63
C ARG A 430 -37.29 -9.83 4.35
N LYS A 431 -36.73 -9.78 5.55
CA LYS A 431 -36.56 -8.52 6.32
C LYS A 431 -35.61 -7.58 5.56
N LEU A 432 -34.52 -8.10 4.99
CA LEU A 432 -33.51 -7.24 4.32
C LEU A 432 -34.06 -6.64 3.02
N ASP A 433 -34.98 -7.34 2.35
CA ASP A 433 -35.65 -6.89 1.11
C ASP A 433 -34.60 -6.38 0.12
N ILE A 434 -33.73 -7.28 -0.32
CA ILE A 434 -32.60 -6.97 -1.24
C ILE A 434 -33.11 -7.09 -2.68
N LYS A 435 -33.11 -5.98 -3.42
CA LYS A 435 -33.81 -5.87 -4.73
C LYS A 435 -32.84 -5.55 -5.88
N ASN A 436 -31.65 -4.99 -5.59
CA ASN A 436 -30.81 -4.37 -6.64
C ASN A 436 -29.42 -4.08 -6.08
N GLU A 437 -28.53 -3.55 -6.93
CA GLU A 437 -27.11 -3.34 -6.56
C GLU A 437 -27.01 -2.31 -5.42
N ASP A 438 -27.89 -1.29 -5.39
CA ASP A 438 -27.90 -0.30 -4.30
C ASP A 438 -28.14 -1.01 -2.94
N ASP A 439 -29.10 -1.93 -2.87
CA ASP A 439 -29.39 -2.71 -1.64
C ASP A 439 -28.18 -3.58 -1.25
N VAL A 440 -27.50 -4.18 -2.22
CA VAL A 440 -26.27 -4.98 -1.94
C VAL A 440 -25.20 -4.07 -1.34
N LYS A 441 -25.01 -2.86 -1.88
CA LYS A 441 -23.94 -1.95 -1.38
C LYS A 441 -24.26 -1.54 0.06
N SER A 442 -25.55 -1.55 0.46
CA SER A 442 -25.98 -1.16 1.82
C SER A 442 -25.59 -2.23 2.85
N LEU A 443 -25.28 -3.46 2.43
CA LEU A 443 -25.10 -4.61 3.37
C LEU A 443 -23.80 -4.49 4.16
N SER A 444 -22.73 -3.94 3.58
CA SER A 444 -21.37 -3.92 4.20
C SER A 444 -21.44 -3.51 5.69
N ARG A 445 -22.03 -2.35 6.02
CA ARG A 445 -22.05 -1.80 7.41
C ARG A 445 -22.69 -2.81 8.39
N VAL A 446 -23.86 -3.33 8.07
CA VAL A 446 -24.62 -4.29 8.94
C VAL A 446 -23.86 -5.63 9.05
N MET A 447 -23.27 -6.11 7.95
N MET A 447 -23.26 -6.09 7.95
CA MET A 447 -22.50 -7.38 7.92
CA MET A 447 -22.52 -7.38 7.92
C MET A 447 -21.32 -7.27 8.89
C MET A 447 -21.29 -7.30 8.83
N ILE A 448 -20.52 -6.21 8.77
CA ILE A 448 -19.35 -5.96 9.67
C ILE A 448 -19.85 -5.93 11.12
N HIS A 449 -20.93 -5.22 11.40
CA HIS A 449 -21.47 -5.08 12.79
C HIS A 449 -21.75 -6.48 13.35
N VAL A 450 -22.50 -7.28 12.61
CA VAL A 450 -22.97 -8.61 13.10
C VAL A 450 -21.76 -9.55 13.18
N PHE A 451 -20.95 -9.60 12.15
CA PHE A 451 -19.87 -10.61 12.03
C PHE A 451 -18.70 -10.31 12.99
N SER A 452 -18.37 -9.02 13.22
N SER A 452 -18.36 -9.04 13.25
CA SER A 452 -17.24 -8.56 14.08
CA SER A 452 -17.19 -8.65 14.09
C SER A 452 -17.54 -8.81 15.56
C SER A 452 -17.55 -8.69 15.58
N ASP A 453 -18.83 -8.82 15.94
CA ASP A 453 -19.29 -9.06 17.33
C ASP A 453 -19.14 -10.55 17.67
N GLY A 454 -18.64 -10.87 18.88
CA GLY A 454 -18.66 -12.25 19.38
C GLY A 454 -17.47 -13.07 18.91
N VAL A 455 -17.59 -14.39 19.00
CA VAL A 455 -16.44 -15.32 18.86
C VAL A 455 -16.02 -15.40 17.39
N THR A 456 -14.77 -15.78 17.17
CA THR A 456 -14.21 -16.07 15.84
C THR A 456 -14.07 -17.59 15.70
N ASN A 457 -14.65 -18.11 14.63
CA ASN A 457 -14.44 -19.54 14.27
C ASN A 457 -14.86 -19.76 12.82
N TRP A 458 -14.49 -20.93 12.30
CA TRP A 458 -14.78 -21.29 10.88
C TRP A 458 -16.29 -21.46 10.69
N GLY A 459 -17.03 -21.87 11.72
CA GLY A 459 -18.48 -22.04 11.56
C GLY A 459 -19.19 -20.75 11.20
N ARG A 460 -18.80 -19.66 11.86
CA ARG A 460 -19.43 -18.35 11.57
C ARG A 460 -19.02 -17.82 10.20
N ILE A 461 -17.80 -18.16 9.76
CA ILE A 461 -17.35 -17.84 8.38
C ILE A 461 -18.22 -18.61 7.38
N VAL A 462 -18.53 -19.86 7.67
CA VAL A 462 -19.47 -20.65 6.82
C VAL A 462 -20.83 -19.97 6.80
N THR A 463 -21.36 -19.54 7.95
CA THR A 463 -22.69 -18.89 7.97
C THR A 463 -22.68 -17.63 7.10
N LEU A 464 -21.66 -16.80 7.21
CA LEU A 464 -21.50 -15.54 6.43
C LEU A 464 -21.58 -15.89 4.94
N ILE A 465 -20.81 -16.86 4.50
CA ILE A 465 -20.72 -17.19 3.06
C ILE A 465 -21.99 -17.92 2.62
N SER A 466 -22.54 -18.80 3.44
CA SER A 466 -23.75 -19.61 3.13
C SER A 466 -24.95 -18.68 2.98
N PHE A 467 -25.10 -17.72 3.86
CA PHE A 467 -26.20 -16.73 3.67
C PHE A 467 -25.94 -15.94 2.39
N GLY A 468 -24.67 -15.63 2.07
CA GLY A 468 -24.33 -15.04 0.79
C GLY A 468 -24.87 -15.85 -0.37
N ALA A 469 -24.68 -17.17 -0.35
CA ALA A 469 -25.18 -18.07 -1.40
C ALA A 469 -26.71 -18.03 -1.45
N PHE A 470 -27.33 -18.01 -0.28
CA PHE A 470 -28.81 -17.95 -0.15
C PHE A 470 -29.33 -16.66 -0.81
N VAL A 471 -28.67 -15.56 -0.57
CA VAL A 471 -29.03 -14.24 -1.18
C VAL A 471 -28.75 -14.31 -2.69
N ALA A 472 -27.64 -14.91 -3.09
CA ALA A 472 -27.28 -14.98 -4.51
C ALA A 472 -28.35 -15.77 -5.27
N LYS A 473 -28.84 -16.85 -4.68
CA LYS A 473 -29.91 -17.65 -5.33
C LYS A 473 -31.12 -16.75 -5.57
N HIS A 474 -31.50 -16.00 -4.54
CA HIS A 474 -32.62 -15.02 -4.63
C HIS A 474 -32.33 -14.02 -5.77
N LEU A 475 -31.15 -13.42 -5.80
CA LEU A 475 -30.81 -12.39 -6.81
C LEU A 475 -30.97 -12.97 -8.21
N LYS A 476 -30.47 -14.17 -8.49
N LYS A 476 -30.69 -14.27 -8.40
CA LYS A 476 -30.53 -14.77 -9.86
CA LYS A 476 -30.91 -14.94 -9.70
C LYS A 476 -32.01 -14.90 -10.25
C LYS A 476 -32.41 -15.24 -9.92
N THR A 477 -32.82 -15.41 -9.33
N THR A 477 -33.23 -15.57 -8.89
CA THR A 477 -34.26 -15.73 -9.60
CA THR A 477 -34.69 -15.79 -9.13
C THR A 477 -35.01 -14.45 -9.99
C THR A 477 -35.31 -14.49 -9.68
N ILE A 478 -34.76 -13.31 -9.32
CA ILE A 478 -35.44 -12.00 -9.62
C ILE A 478 -34.70 -11.22 -10.71
N ASN A 479 -33.84 -11.88 -11.50
CA ASN A 479 -33.16 -11.30 -12.70
C ASN A 479 -32.21 -10.19 -12.24
N GLN A 480 -31.50 -10.40 -11.12
CA GLN A 480 -30.45 -9.47 -10.60
C GLN A 480 -29.14 -10.24 -10.48
N GLU A 481 -28.87 -11.13 -11.45
CA GLU A 481 -27.62 -11.94 -11.46
C GLU A 481 -26.40 -11.02 -11.43
N SER A 482 -26.47 -9.83 -12.04
CA SER A 482 -25.36 -8.84 -12.08
C SER A 482 -24.97 -8.39 -10.67
N CYS A 483 -25.82 -8.60 -9.66
CA CYS A 483 -25.54 -8.20 -8.26
C CYS A 483 -24.68 -9.24 -7.56
N ILE A 484 -24.51 -10.44 -8.12
CA ILE A 484 -23.86 -11.53 -7.36
C ILE A 484 -22.37 -11.22 -7.18
N GLU A 485 -21.64 -10.85 -8.23
CA GLU A 485 -20.19 -10.54 -8.06
C GLU A 485 -19.99 -9.39 -7.07
N PRO A 486 -20.73 -8.27 -7.12
CA PRO A 486 -20.63 -7.24 -6.07
C PRO A 486 -20.88 -7.79 -4.66
N LEU A 487 -21.85 -8.68 -4.52
CA LEU A 487 -22.15 -9.30 -3.20
C LEU A 487 -20.93 -10.12 -2.74
N ALA A 488 -20.37 -10.93 -3.64
CA ALA A 488 -19.18 -11.76 -3.32
C ALA A 488 -18.04 -10.83 -2.89
N GLU A 489 -17.85 -9.73 -3.59
CA GLU A 489 -16.74 -8.80 -3.25
C GLU A 489 -16.99 -8.22 -1.86
N SER A 490 -18.22 -7.85 -1.56
CA SER A 490 -18.59 -7.22 -0.27
C SER A 490 -18.34 -8.21 0.86
N ILE A 491 -18.79 -9.46 0.70
CA ILE A 491 -18.61 -10.50 1.75
C ILE A 491 -17.11 -10.77 1.94
N THR A 492 -16.36 -10.85 0.85
CA THR A 492 -14.89 -11.10 0.92
C THR A 492 -14.23 -9.95 1.69
N ASP A 493 -14.57 -8.71 1.38
CA ASP A 493 -14.00 -7.53 2.05
C ASP A 493 -14.29 -7.62 3.56
N VAL A 494 -15.52 -7.96 3.93
CA VAL A 494 -15.89 -8.09 5.38
C VAL A 494 -15.03 -9.16 6.04
N LEU A 495 -14.96 -10.34 5.43
CA LEU A 495 -14.21 -11.47 6.02
C LEU A 495 -12.75 -11.07 6.21
N VAL A 496 -12.10 -10.57 5.17
CA VAL A 496 -10.62 -10.40 5.23
C VAL A 496 -10.29 -9.19 6.10
N ARG A 497 -11.12 -8.13 6.10
CA ARG A 497 -10.81 -6.92 6.92
C ARG A 497 -11.00 -7.25 8.40
N THR A 498 -12.04 -7.99 8.74
CA THR A 498 -12.37 -8.26 10.17
C THR A 498 -11.49 -9.39 10.72
N LYS A 499 -11.08 -10.39 9.93
CA LYS A 499 -10.42 -11.60 10.46
C LYS A 499 -9.00 -11.85 9.89
N ARG A 500 -8.33 -10.84 9.35
N ARG A 500 -8.38 -10.83 9.31
N ARG A 500 -8.35 -10.82 9.35
CA ARG A 500 -7.04 -11.04 8.63
CA ARG A 500 -7.03 -10.92 8.70
CA ARG A 500 -7.03 -10.94 8.67
C ARG A 500 -6.01 -11.74 9.53
C ARG A 500 -6.12 -11.79 9.59
C ARG A 500 -6.04 -11.72 9.53
N ASP A 501 -5.84 -11.31 10.79
CA ASP A 501 -4.78 -11.89 11.67
C ASP A 501 -5.16 -13.34 12.01
N TRP A 502 -6.42 -13.58 12.32
CA TRP A 502 -6.91 -14.95 12.63
C TRP A 502 -6.73 -15.86 11.42
N LEU A 503 -7.11 -15.40 10.23
CA LEU A 503 -7.03 -16.23 9.01
C LEU A 503 -5.57 -16.62 8.75
N VAL A 504 -4.63 -15.68 8.90
CA VAL A 504 -3.20 -15.99 8.65
C VAL A 504 -2.75 -17.04 9.67
N LYS A 505 -3.16 -16.90 10.93
CA LYS A 505 -2.81 -17.85 12.03
C LYS A 505 -3.35 -19.26 11.72
N GLN A 506 -4.41 -19.40 10.91
CA GLN A 506 -4.98 -20.73 10.53
C GLN A 506 -4.32 -21.29 9.26
N ARG A 507 -3.33 -20.61 8.68
CA ARG A 507 -2.78 -20.92 7.35
C ARG A 507 -3.91 -20.72 6.34
N GLY A 508 -4.70 -19.68 6.57
CA GLY A 508 -5.77 -19.24 5.67
C GLY A 508 -6.69 -20.39 5.33
N TRP A 509 -6.99 -20.57 4.06
CA TRP A 509 -7.97 -21.56 3.58
C TRP A 509 -7.46 -22.99 3.74
N ASP A 510 -6.15 -23.22 3.92
CA ASP A 510 -5.70 -24.60 4.20
C ASP A 510 -6.21 -25.00 5.59
N GLY A 511 -6.26 -24.04 6.53
CA GLY A 511 -6.82 -24.32 7.86
C GLY A 511 -8.28 -24.71 7.78
N PHE A 512 -9.05 -24.05 6.93
CA PHE A 512 -10.48 -24.35 6.72
C PHE A 512 -10.68 -25.79 6.24
N VAL A 513 -9.92 -26.20 5.23
CA VAL A 513 -10.00 -27.58 4.68
C VAL A 513 -9.66 -28.59 5.76
N GLU A 514 -8.64 -28.32 6.55
N GLU A 514 -8.63 -28.31 6.57
CA GLU A 514 -8.23 -29.25 7.63
CA GLU A 514 -8.13 -29.16 7.67
C GLU A 514 -9.31 -29.29 8.72
C GLU A 514 -9.16 -29.23 8.82
N PHE A 515 -9.86 -28.14 9.08
CA PHE A 515 -10.85 -28.04 10.18
C PHE A 515 -12.07 -28.92 9.88
N PHE A 516 -12.51 -28.96 8.62
CA PHE A 516 -13.74 -29.67 8.19
C PHE A 516 -13.42 -30.99 7.49
N HIS A 517 -12.18 -31.49 7.60
CA HIS A 517 -11.77 -32.79 7.02
C HIS A 517 -12.58 -33.89 7.72
N VAL A 518 -13.35 -34.67 6.95
CA VAL A 518 -14.11 -35.87 7.44
C VAL A 518 -13.22 -37.10 7.34
#